data_6YA2
#
_entry.id   6YA2
#
_cell.length_a   69.660
_cell.length_b   76.010
_cell.length_c   71.180
_cell.angle_alpha   90.000
_cell.angle_beta   106.560
_cell.angle_gamma   90.000
#
_symmetry.space_group_name_H-M   'P 1 21 1'
#
loop_
_entity.id
_entity.type
_entity.pdbx_description
1 polymer Glycoprotein
2 branched 2-acetamido-2-deoxy-beta-D-glucopyranose-(1-4)-2-acetamido-2-deoxy-beta-D-glucopyranose
3 non-polymer 2-acetamido-2-deoxy-beta-D-glucopyranose
4 water water
#
_entity_poly.entity_id   1
_entity_poly.type   'polypeptide(L)'
_entity_poly.pdbx_seq_one_letter_code
;STTQKTISVSDLPNNCLNASSLKCEIKGISTYNVYYQVENNGVIYSCVSDSAEGLEKCDNSLNLPKRFSKVPVIPITKLD
NKRHFSVGTKFFISESLTQDNYPITYNSYPTNGTVCLQTVKLSGDCKITKSNFANPYTVSITSPEKIMGYLIKKPGENVE
HKVISFSGSASITFTEEMLDGEHNLLCGDKSAKIPKTNK
;
_entity_poly.pdbx_strand_id   A,B,C
#
loop_
_chem_comp.id
_chem_comp.type
_chem_comp.name
_chem_comp.formula
NAG D-saccharide, beta linking 2-acetamido-2-deoxy-beta-D-glucopyranose 'C8 H15 N O6'
#
# COMPACT_ATOMS: atom_id res chain seq x y z
N ASP A 11 3.24 24.91 -5.98
CA ASP A 11 2.39 23.87 -6.53
C ASP A 11 3.10 22.51 -6.45
N LEU A 12 2.33 21.44 -6.62
CA LEU A 12 2.84 20.08 -6.40
C LEU A 12 3.96 19.69 -7.39
N PRO A 13 3.72 19.83 -8.72
CA PRO A 13 4.83 19.47 -9.61
C PRO A 13 5.66 20.66 -10.05
N ASN A 14 5.20 21.87 -9.75
CA ASN A 14 5.79 23.08 -10.33
C ASN A 14 7.21 23.34 -9.85
N ASN A 15 7.41 23.31 -8.54
CA ASN A 15 8.72 23.60 -7.96
C ASN A 15 9.70 22.48 -8.28
N CYS A 16 9.17 21.39 -8.80
CA CYS A 16 9.95 20.18 -8.92
C CYS A 16 10.32 19.89 -10.38
N LEU A 17 9.57 20.45 -11.31
CA LEU A 17 9.97 20.42 -12.70
C LEU A 17 10.82 21.65 -12.98
N ASN A 18 11.26 22.28 -11.89
CA ASN A 18 11.92 23.57 -11.94
C ASN A 18 13.18 23.64 -11.10
N ALA A 19 14.06 22.67 -11.27
CA ALA A 19 15.30 22.62 -10.52
C ALA A 19 16.33 23.60 -11.07
N SER A 20 16.28 23.85 -12.38
CA SER A 20 17.25 24.72 -13.04
C SER A 20 17.28 26.12 -12.44
N SER A 21 16.15 26.57 -11.92
CA SER A 21 16.02 27.90 -11.37
C SER A 21 16.05 27.91 -9.84
N LEU A 22 16.24 26.74 -9.24
CA LEU A 22 16.18 26.65 -7.78
C LEU A 22 17.35 25.92 -7.14
N LYS A 23 17.44 26.02 -5.83
CA LYS A 23 18.46 25.28 -5.09
C LYS A 23 18.09 23.81 -5.04
N CYS A 24 18.73 23.03 -5.90
CA CYS A 24 18.48 21.62 -5.98
C CYS A 24 19.53 20.78 -5.25
N GLU A 25 19.16 19.58 -4.83
CA GLU A 25 20.14 18.65 -4.24
C GLU A 25 19.79 17.19 -4.55
N ILE A 26 20.69 16.49 -5.21
CA ILE A 26 20.48 15.09 -5.52
C ILE A 26 20.67 14.24 -4.27
N LYS A 27 19.70 13.38 -4.01
CA LYS A 27 19.72 12.52 -2.82
C LYS A 27 20.16 11.10 -3.16
N GLY A 28 19.98 10.71 -4.41
CA GLY A 28 20.35 9.38 -4.86
C GLY A 28 20.24 9.23 -6.38
N ILE A 29 21.14 8.45 -6.97
CA ILE A 29 21.05 8.15 -8.38
C ILE A 29 20.98 6.64 -8.60
N SER A 30 19.86 6.17 -9.13
CA SER A 30 19.73 4.75 -9.40
C SER A 30 20.12 4.51 -10.85
N THR A 31 19.93 3.28 -11.31
CA THR A 31 20.25 2.93 -12.69
C THR A 31 19.23 3.50 -13.67
N TYR A 32 18.01 3.73 -13.19
CA TYR A 32 16.94 4.09 -14.11
C TYR A 32 16.22 5.38 -13.76
N ASN A 33 16.61 6.03 -12.65
CA ASN A 33 16.08 7.35 -12.31
C ASN A 33 16.83 8.04 -11.16
N VAL A 34 16.52 9.31 -10.95
CA VAL A 34 17.20 10.12 -9.94
C VAL A 34 16.22 10.65 -8.91
N TYR A 35 16.65 10.63 -7.65
CA TYR A 35 15.89 11.18 -6.54
C TYR A 35 16.58 12.42 -5.99
N TYR A 36 15.90 13.55 -6.06
CA TYR A 36 16.46 14.82 -5.60
C TYR A 36 15.46 15.62 -4.80
N GLN A 37 15.88 16.74 -4.25
CA GLN A 37 14.93 17.64 -3.63
C GLN A 37 15.29 19.09 -3.94
N VAL A 38 14.29 19.96 -3.88
CA VAL A 38 14.43 21.35 -4.27
C VAL A 38 13.92 22.28 -3.19
N GLU A 39 14.56 23.44 -3.09
CA GLU A 39 14.22 24.41 -2.08
C GLU A 39 13.65 25.67 -2.73
N ASN A 40 12.49 26.12 -2.26
CA ASN A 40 11.90 27.36 -2.74
C ASN A 40 11.12 28.08 -1.65
N ASN A 41 11.51 29.32 -1.38
CA ASN A 41 10.89 30.12 -0.33
C ASN A 41 10.96 29.39 1.01
N GLY A 42 12.10 28.75 1.26
CA GLY A 42 12.36 28.11 2.54
C GLY A 42 11.78 26.72 2.76
N VAL A 43 11.00 26.22 1.81
CA VAL A 43 10.39 24.89 1.98
C VAL A 43 10.99 23.89 0.97
N ILE A 44 11.16 22.65 1.43
CA ILE A 44 11.80 21.61 0.64
C ILE A 44 10.76 20.70 -0.03
N TYR A 45 11.00 20.35 -1.30
CA TYR A 45 10.11 19.45 -2.02
C TYR A 45 10.85 18.25 -2.58
N SER A 46 10.41 17.05 -2.21
CA SER A 46 11.02 15.82 -2.73
C SER A 46 10.58 15.57 -4.16
N CYS A 47 11.40 14.80 -4.88
CA CYS A 47 11.29 14.70 -6.33
C CYS A 47 11.88 13.40 -6.87
N VAL A 48 11.17 12.75 -7.77
CA VAL A 48 11.73 11.59 -8.47
C VAL A 48 11.44 11.70 -9.94
N SER A 49 12.50 11.69 -10.75
CA SER A 49 12.34 11.82 -12.20
C SER A 49 13.24 10.86 -12.96
N ASP A 50 12.79 10.46 -14.15
CA ASP A 50 13.64 9.66 -15.02
C ASP A 50 14.23 10.54 -16.10
N SER A 51 14.16 11.85 -15.86
CA SER A 51 14.75 12.84 -16.74
C SER A 51 15.96 13.47 -16.04
N ALA A 52 17.10 13.44 -16.71
CA ALA A 52 18.31 14.00 -16.13
C ALA A 52 18.41 15.49 -16.39
N GLU A 53 17.63 15.95 -17.36
CA GLU A 53 17.78 17.31 -17.86
C GLU A 53 17.41 18.36 -16.82
N GLY A 54 18.26 19.37 -16.68
CA GLY A 54 17.99 20.48 -15.80
C GLY A 54 18.50 20.27 -14.39
N LEU A 55 19.17 19.15 -14.16
CA LEU A 55 19.65 18.82 -12.82
C LEU A 55 21.15 18.98 -12.71
N GLU A 56 21.76 19.41 -13.79
CA GLU A 56 23.20 19.60 -13.85
C GLU A 56 23.70 20.48 -12.70
N LYS A 57 22.91 21.48 -12.34
CA LYS A 57 23.28 22.46 -11.30
C LYS A 57 23.08 21.93 -9.87
N CYS A 58 22.54 20.73 -9.75
CA CYS A 58 22.28 20.15 -8.43
C CYS A 58 23.55 19.69 -7.75
N ASP A 59 23.53 19.71 -6.42
CA ASP A 59 24.61 19.15 -5.63
C ASP A 59 24.62 17.65 -5.81
N ASN A 60 25.82 17.06 -5.83
CA ASN A 60 26.01 15.61 -6.01
C ASN A 60 25.62 15.17 -7.41
N SER A 61 26.06 15.94 -8.38
CA SER A 61 25.66 15.75 -9.76
C SER A 61 26.73 15.01 -10.58
N LEU A 62 27.87 14.72 -9.97
CA LEU A 62 29.00 14.16 -10.70
C LEU A 62 28.65 12.92 -11.55
N ASN A 63 27.87 11.99 -11.00
CA ASN A 63 27.54 10.75 -11.71
C ASN A 63 26.13 10.73 -12.26
N LEU A 64 25.57 11.92 -12.45
CA LEU A 64 24.28 12.05 -13.11
C LEU A 64 24.48 11.73 -14.58
N PRO A 65 23.77 10.70 -15.09
CA PRO A 65 23.92 10.35 -16.50
C PRO A 65 23.35 11.36 -17.46
N LYS A 66 23.67 11.22 -18.74
CA LYS A 66 23.07 12.03 -19.79
C LYS A 66 21.60 11.65 -19.95
N ARG A 67 21.34 10.36 -20.10
CA ARG A 67 19.98 9.86 -20.24
C ARG A 67 19.75 8.67 -19.32
N PHE A 68 18.50 8.49 -18.93
CA PHE A 68 18.09 7.29 -18.22
C PHE A 68 17.34 6.37 -19.16
N SER A 69 17.73 5.10 -19.19
CA SER A 69 17.00 4.12 -19.98
C SER A 69 15.57 4.03 -19.48
N LYS A 70 14.64 3.81 -20.39
CA LYS A 70 13.23 3.85 -20.02
C LYS A 70 12.52 2.53 -20.31
N VAL A 71 13.29 1.46 -20.46
CA VAL A 71 12.72 0.13 -20.57
C VAL A 71 11.90 -0.17 -19.33
N PRO A 72 10.78 -0.89 -19.49
CA PRO A 72 10.00 -1.18 -18.30
C PRO A 72 10.72 -2.12 -17.35
N VAL A 73 10.78 -1.73 -16.09
CA VAL A 73 11.38 -2.56 -15.05
C VAL A 73 10.50 -2.56 -13.83
N ILE A 74 10.49 -3.68 -13.12
CA ILE A 74 9.71 -3.81 -11.89
C ILE A 74 10.63 -4.40 -10.81
N PRO A 75 10.30 -4.17 -9.52
CA PRO A 75 11.12 -4.67 -8.40
C PRO A 75 11.16 -6.18 -8.32
N ILE A 76 12.32 -6.74 -8.00
CA ILE A 76 12.41 -8.17 -7.75
C ILE A 76 11.78 -8.50 -6.40
N THR A 77 10.76 -9.35 -6.40
CA THR A 77 10.03 -9.64 -5.17
C THR A 77 10.50 -10.94 -4.51
N LYS A 78 11.08 -11.84 -5.30
CA LYS A 78 11.65 -13.04 -4.72
C LYS A 78 13.15 -12.91 -4.69
N LEU A 79 13.70 -12.80 -3.48
CA LEU A 79 15.11 -12.43 -3.31
C LEU A 79 16.04 -13.50 -3.84
N ASP A 80 15.55 -14.73 -3.93
CA ASP A 80 16.33 -15.84 -4.41
C ASP A 80 16.84 -15.60 -5.84
N ASN A 81 15.96 -15.19 -6.74
CA ASN A 81 16.38 -15.09 -8.13
C ASN A 81 16.84 -13.67 -8.49
N LYS A 82 17.42 -13.00 -7.50
CA LYS A 82 18.00 -11.68 -7.70
C LYS A 82 19.18 -11.72 -8.65
N ARG A 83 20.16 -12.57 -8.34
CA ARG A 83 21.38 -12.71 -9.14
C ARG A 83 21.13 -13.00 -10.62
N HIS A 84 20.02 -13.66 -10.91
CA HIS A 84 19.73 -14.09 -12.27
C HIS A 84 19.08 -12.97 -13.07
N PHE A 85 18.19 -12.21 -12.45
CA PHE A 85 17.37 -11.30 -13.24
C PHE A 85 17.73 -9.83 -13.07
N SER A 86 18.50 -9.54 -12.03
CA SER A 86 18.84 -8.15 -11.71
C SER A 86 19.40 -7.36 -12.90
N VAL A 87 18.83 -6.18 -13.13
CA VAL A 87 19.34 -5.27 -14.16
C VAL A 87 19.58 -3.87 -13.62
N GLY A 88 19.83 -3.78 -12.32
CA GLY A 88 20.16 -2.52 -11.68
C GLY A 88 19.20 -2.18 -10.57
N THR A 89 19.10 -0.90 -10.26
CA THR A 89 18.18 -0.41 -9.24
C THR A 89 17.36 0.77 -9.75
N LYS A 90 16.24 1.04 -9.09
CA LYS A 90 15.37 2.15 -9.45
C LYS A 90 14.66 2.68 -8.21
N PHE A 91 14.27 3.95 -8.25
CA PHE A 91 13.50 4.52 -7.15
C PHE A 91 12.01 4.34 -7.39
N PHE A 92 11.28 4.03 -6.31
CA PHE A 92 9.83 3.87 -6.35
C PHE A 92 9.17 4.56 -5.16
N ILE A 93 7.91 4.93 -5.32
CA ILE A 93 7.18 5.49 -4.19
C ILE A 93 6.68 4.35 -3.32
N SER A 94 6.74 4.56 -2.01
CA SER A 94 6.27 3.59 -1.04
C SER A 94 5.44 4.28 0.04
N GLU A 95 5.09 3.54 1.09
CA GLU A 95 4.39 4.11 2.23
C GLU A 95 5.33 4.30 3.40
N SER A 96 5.11 5.37 4.18
CA SER A 96 5.83 5.55 5.44
C SER A 96 5.56 4.40 6.40
N LEU A 97 6.62 3.85 6.99
CA LEU A 97 6.45 2.78 7.97
C LEU A 97 5.94 3.34 9.29
N THR A 98 6.18 4.63 9.50
CA THR A 98 5.80 5.30 10.75
C THR A 98 4.63 6.24 10.53
N GLN A 99 3.88 5.98 9.46
CA GLN A 99 2.64 6.71 9.16
C GLN A 99 2.88 8.22 8.95
N ASP A 100 4.12 8.60 8.65
CA ASP A 100 4.44 9.98 8.28
C ASP A 100 4.70 10.09 6.78
N ASN A 101 3.64 10.22 6.00
CA ASN A 101 3.74 10.27 4.55
C ASN A 101 3.86 11.70 4.06
N TYR A 102 4.99 12.04 3.43
CA TYR A 102 5.22 13.38 2.92
C TYR A 102 4.94 13.46 1.41
N PRO A 103 4.61 14.67 0.92
CA PRO A 103 4.36 14.90 -0.51
C PRO A 103 5.59 14.71 -1.39
N ILE A 104 5.45 13.91 -2.45
CA ILE A 104 6.54 13.67 -3.38
C ILE A 104 6.02 13.77 -4.81
N THR A 105 6.88 14.20 -5.72
CA THR A 105 6.52 14.21 -7.12
C THR A 105 7.27 13.13 -7.90
N TYR A 106 6.54 12.15 -8.42
CA TYR A 106 7.13 11.06 -9.19
C TYR A 106 6.86 11.24 -10.69
N ASN A 107 7.90 11.59 -11.45
CA ASN A 107 7.77 11.78 -12.89
C ASN A 107 6.65 12.76 -13.20
N SER A 108 6.68 13.89 -12.50
CA SER A 108 5.66 14.94 -12.60
C SER A 108 4.27 14.47 -12.17
N TYR A 109 4.19 13.29 -11.56
CA TYR A 109 2.94 12.84 -10.93
C TYR A 109 3.06 13.02 -9.41
N PRO A 110 2.35 14.01 -8.86
CA PRO A 110 2.36 14.36 -7.42
C PRO A 110 1.60 13.37 -6.54
N THR A 111 2.13 13.09 -5.35
CA THR A 111 1.54 12.10 -4.41
C THR A 111 2.08 12.32 -2.99
N ASN A 112 1.54 11.59 -2.02
CA ASN A 112 2.11 11.47 -0.68
C ASN A 112 2.78 10.12 -0.57
N GLY A 113 3.87 10.04 0.18
CA GLY A 113 4.54 8.78 0.36
C GLY A 113 5.98 8.86 0.83
N THR A 114 6.73 7.78 0.61
CA THR A 114 8.16 7.73 0.93
C THR A 114 8.90 7.22 -0.30
N VAL A 115 10.19 7.50 -0.40
CA VAL A 115 10.97 6.98 -1.51
C VAL A 115 11.59 5.63 -1.16
N CYS A 116 11.51 4.68 -2.08
CA CYS A 116 12.18 3.40 -1.91
C CYS A 116 13.16 3.17 -3.03
N LEU A 117 14.21 2.42 -2.72
CA LEU A 117 15.21 2.03 -3.71
C LEU A 117 15.27 0.52 -3.76
N GLN A 118 14.93 -0.05 -4.91
CA GLN A 118 14.81 -1.50 -5.03
C GLN A 118 15.56 -2.08 -6.21
N THR A 119 16.25 -3.19 -5.96
CA THR A 119 16.85 -3.95 -7.06
C THR A 119 15.75 -4.35 -8.03
N VAL A 120 16.01 -4.19 -9.32
CA VAL A 120 14.95 -4.19 -10.30
C VAL A 120 15.19 -5.20 -11.42
N LYS A 121 14.12 -5.65 -12.08
CA LYS A 121 14.30 -6.62 -13.15
C LYS A 121 13.52 -6.19 -14.39
N LEU A 122 13.85 -6.78 -15.53
CA LEU A 122 13.21 -6.43 -16.79
C LEU A 122 11.75 -6.84 -16.72
N SER A 123 10.91 -6.22 -17.53
CA SER A 123 9.47 -6.48 -17.46
C SER A 123 8.78 -6.32 -18.82
N GLY A 124 7.58 -6.89 -18.95
CA GLY A 124 6.82 -6.73 -20.17
C GLY A 124 6.85 -7.94 -21.09
N ASP A 125 6.15 -7.87 -22.21
CA ASP A 125 6.03 -9.03 -23.09
C ASP A 125 7.13 -9.04 -24.13
N CYS A 126 7.86 -10.15 -24.19
CA CYS A 126 8.92 -10.30 -25.17
C CYS A 126 9.00 -11.76 -25.57
N LYS A 127 9.03 -12.03 -26.87
CA LYS A 127 9.13 -13.40 -27.33
C LYS A 127 10.50 -13.65 -27.95
N ILE A 128 11.13 -14.72 -27.49
CA ILE A 128 12.42 -15.14 -28.01
C ILE A 128 12.21 -16.20 -29.05
N THR A 129 12.31 -15.80 -30.31
CA THR A 129 12.14 -16.72 -31.42
C THR A 129 13.46 -16.82 -32.19
N LYS A 130 14.05 -18.00 -32.27
CA LYS A 130 15.30 -18.04 -33.00
C LYS A 130 15.09 -18.26 -34.48
N SER A 131 15.12 -17.12 -35.17
CA SER A 131 14.98 -17.04 -36.62
C SER A 131 16.06 -17.83 -37.36
N ASN A 132 15.75 -18.29 -38.57
CA ASN A 132 16.73 -18.97 -39.39
C ASN A 132 17.62 -17.95 -40.10
N PHE A 133 18.84 -17.79 -39.61
CA PHE A 133 19.81 -16.86 -40.20
C PHE A 133 21.04 -17.63 -40.67
N ALA A 134 22.07 -16.89 -41.10
CA ALA A 134 23.28 -17.50 -41.63
C ALA A 134 24.38 -17.60 -40.56
N ASN A 135 24.31 -16.73 -39.56
CA ASN A 135 25.21 -16.82 -38.42
C ASN A 135 24.52 -17.68 -37.36
N PRO A 136 25.21 -18.72 -36.88
CA PRO A 136 24.63 -19.55 -35.82
C PRO A 136 24.24 -18.73 -34.59
N TYR A 137 24.99 -17.67 -34.35
CA TYR A 137 24.82 -16.83 -33.16
C TYR A 137 23.97 -15.60 -33.39
N THR A 138 22.78 -15.77 -33.97
CA THR A 138 21.89 -14.63 -34.14
C THR A 138 20.43 -15.05 -33.95
N VAL A 139 19.79 -14.39 -33.00
CA VAL A 139 18.41 -14.68 -32.64
C VAL A 139 17.56 -13.43 -32.92
N SER A 140 16.26 -13.62 -33.06
CA SER A 140 15.32 -12.51 -33.25
C SER A 140 14.36 -12.42 -32.08
N ILE A 141 14.20 -11.23 -31.51
CA ILE A 141 13.28 -11.06 -30.40
C ILE A 141 12.16 -10.13 -30.81
N THR A 142 10.93 -10.47 -30.42
CA THR A 142 9.81 -9.62 -30.74
C THR A 142 9.13 -9.14 -29.47
N SER A 143 8.52 -7.97 -29.56
CA SER A 143 7.75 -7.40 -28.46
C SER A 143 6.80 -6.32 -28.96
N PRO A 144 5.54 -6.39 -28.52
CA PRO A 144 4.51 -5.46 -29.01
C PRO A 144 4.51 -4.11 -28.31
N GLU A 145 5.26 -3.98 -27.23
CA GLU A 145 5.22 -2.76 -26.44
C GLU A 145 6.02 -1.65 -27.11
N LYS A 146 5.73 -0.40 -26.74
CA LYS A 146 6.34 0.76 -27.38
C LYS A 146 7.87 0.74 -27.24
N ILE A 147 8.34 0.33 -26.06
CA ILE A 147 9.76 0.08 -25.88
C ILE A 147 9.92 -1.16 -25.01
N MET A 148 10.90 -1.98 -25.36
CA MET A 148 11.18 -3.17 -24.58
C MET A 148 12.68 -3.27 -24.39
N GLY A 149 13.10 -3.96 -23.35
CA GLY A 149 14.52 -4.07 -23.06
C GLY A 149 15.04 -5.49 -23.01
N TYR A 150 16.32 -5.65 -23.31
CA TYR A 150 16.94 -6.95 -23.17
C TYR A 150 18.39 -6.80 -22.76
N LEU A 151 18.93 -7.88 -22.22
CA LEU A 151 20.31 -7.89 -21.75
C LEU A 151 20.86 -9.30 -21.76
N ILE A 152 22.13 -9.45 -22.12
CA ILE A 152 22.82 -10.72 -21.96
C ILE A 152 23.65 -10.66 -20.70
N LYS A 153 23.36 -11.55 -19.77
CA LYS A 153 24.14 -11.60 -18.54
C LYS A 153 24.25 -13.03 -18.02
N LYS A 154 25.33 -13.29 -17.31
CA LYS A 154 25.49 -14.52 -16.57
C LYS A 154 25.12 -14.19 -15.14
N PRO A 155 24.45 -15.11 -14.44
CA PRO A 155 24.03 -14.86 -13.06
C PRO A 155 25.15 -14.32 -12.19
N GLY A 156 24.94 -13.13 -11.63
CA GLY A 156 25.94 -12.50 -10.77
C GLY A 156 26.75 -11.42 -11.44
N GLU A 157 26.76 -11.43 -12.78
CA GLU A 157 27.49 -10.42 -13.55
C GLU A 157 26.98 -9.03 -13.19
N ASN A 158 27.90 -8.11 -12.90
CA ASN A 158 27.51 -6.77 -12.47
C ASN A 158 27.26 -5.85 -13.66
N VAL A 159 26.40 -6.30 -14.56
CA VAL A 159 26.15 -5.57 -15.79
C VAL A 159 24.88 -4.73 -15.68
N GLU A 160 25.07 -3.46 -15.35
CA GLU A 160 23.98 -2.49 -15.42
C GLU A 160 24.43 -1.43 -16.41
N HIS A 161 23.45 -0.79 -17.05
CA HIS A 161 23.68 0.14 -18.16
C HIS A 161 24.17 -0.61 -19.40
N LYS A 162 24.00 -1.93 -19.40
CA LYS A 162 24.30 -2.71 -20.59
C LYS A 162 22.99 -3.20 -21.22
N VAL A 163 21.89 -2.71 -20.67
CA VAL A 163 20.57 -3.06 -21.15
C VAL A 163 20.25 -2.28 -22.42
N ILE A 164 19.61 -2.94 -23.38
CA ILE A 164 19.40 -2.36 -24.70
C ILE A 164 17.91 -2.11 -24.97
N SER A 165 17.59 -0.91 -25.45
CA SER A 165 16.23 -0.58 -25.86
C SER A 165 15.90 -1.18 -27.21
N PHE A 166 14.64 -1.53 -27.44
CA PHE A 166 14.21 -1.86 -28.79
C PHE A 166 12.71 -1.72 -28.95
N SER A 167 12.29 -1.47 -30.18
CA SER A 167 10.89 -1.30 -30.51
C SER A 167 10.46 -2.29 -31.57
N GLY A 168 9.36 -2.98 -31.32
CA GLY A 168 8.80 -3.91 -32.27
C GLY A 168 9.59 -5.20 -32.37
N SER A 169 10.84 -5.09 -32.81
CA SER A 169 11.69 -6.26 -32.92
C SER A 169 13.15 -5.85 -32.85
N ALA A 170 14.03 -6.83 -32.83
CA ALA A 170 15.46 -6.61 -32.77
C ALA A 170 16.22 -7.88 -33.15
N SER A 171 17.41 -7.70 -33.72
CA SER A 171 18.28 -8.83 -34.04
C SER A 171 19.49 -8.82 -33.11
N ILE A 172 19.64 -9.91 -32.37
CA ILE A 172 20.76 -10.00 -31.46
C ILE A 172 21.77 -10.93 -32.07
N THR A 173 23.01 -10.46 -32.18
CA THR A 173 24.07 -11.29 -32.71
C THR A 173 25.05 -11.65 -31.59
N PHE A 174 24.87 -12.84 -31.00
CA PHE A 174 25.69 -13.30 -29.87
C PHE A 174 27.18 -13.14 -30.11
N THR A 175 27.92 -12.77 -29.07
CA THR A 175 29.38 -12.81 -29.15
C THR A 175 29.86 -14.20 -28.72
N GLU A 176 31.17 -14.39 -28.77
CA GLU A 176 31.74 -15.70 -28.51
C GLU A 176 31.59 -16.12 -27.05
N GLU A 177 31.97 -15.22 -26.14
CA GLU A 177 31.98 -15.54 -24.71
C GLU A 177 30.60 -15.97 -24.22
N MET A 178 29.56 -15.46 -24.88
CA MET A 178 28.18 -15.69 -24.47
C MET A 178 27.74 -17.13 -24.71
N LEU A 179 28.58 -17.89 -25.41
CA LEU A 179 28.23 -19.25 -25.80
C LEU A 179 28.61 -20.31 -24.78
N ASP A 180 29.25 -19.91 -23.68
CA ASP A 180 29.34 -20.82 -22.55
C ASP A 180 27.90 -20.99 -22.07
N GLY A 181 27.57 -22.16 -21.54
CA GLY A 181 26.18 -22.42 -21.19
C GLY A 181 25.79 -21.75 -19.89
N GLU A 182 26.22 -20.51 -19.69
CA GLU A 182 26.02 -19.81 -18.42
C GLU A 182 25.45 -18.41 -18.60
N HIS A 183 25.23 -17.98 -19.84
CA HIS A 183 24.64 -16.68 -20.06
C HIS A 183 23.17 -16.85 -20.40
N ASN A 184 22.35 -15.91 -19.93
CA ASN A 184 20.94 -15.94 -20.22
C ASN A 184 20.54 -14.74 -21.04
N LEU A 185 19.58 -14.94 -21.94
CA LEU A 185 18.98 -13.85 -22.67
C LEU A 185 17.76 -13.34 -21.90
N LEU A 186 17.94 -12.27 -21.16
CA LEU A 186 16.84 -11.63 -20.44
C LEU A 186 16.20 -10.61 -21.36
N CYS A 187 14.90 -10.75 -21.56
CA CYS A 187 14.13 -9.80 -22.34
C CYS A 187 12.71 -9.77 -21.80
N GLY A 188 12.27 -8.60 -21.37
CA GLY A 188 10.95 -8.46 -20.77
C GLY A 188 10.85 -9.33 -19.54
N ASP A 189 9.78 -10.10 -19.44
CA ASP A 189 9.64 -10.98 -18.29
C ASP A 189 10.12 -12.38 -18.65
N LYS A 190 10.89 -12.48 -19.72
CA LYS A 190 11.37 -13.77 -20.21
C LYS A 190 12.87 -13.96 -20.03
N SER A 191 13.26 -15.17 -19.68
CA SER A 191 14.67 -15.53 -19.63
C SER A 191 14.90 -16.77 -20.47
N ALA A 192 16.03 -16.81 -21.16
CA ALA A 192 16.36 -17.96 -21.99
C ALA A 192 17.85 -18.24 -21.88
N LYS A 193 18.22 -19.52 -21.87
CA LYS A 193 19.60 -19.89 -21.64
C LYS A 193 20.41 -20.02 -22.93
N ILE A 194 21.49 -19.23 -23.05
CA ILE A 194 22.36 -19.27 -24.23
C ILE A 194 23.16 -20.57 -24.23
N PRO A 195 22.93 -21.44 -25.23
CA PRO A 195 23.50 -22.78 -25.29
C PRO A 195 25.01 -22.85 -25.52
N LYS A 196 25.56 -24.01 -25.16
CA LYS A 196 26.96 -24.34 -25.44
C LYS A 196 27.08 -24.91 -26.86
N THR A 197 27.97 -24.33 -27.66
CA THR A 197 28.11 -24.73 -29.06
C THR A 197 29.57 -24.78 -29.50
N ASN A 198 29.96 -25.88 -30.16
CA ASN A 198 31.32 -26.04 -30.66
C ASN A 198 31.38 -27.11 -31.75
N VAL B 9 24.77 -26.50 11.04
CA VAL B 9 23.52 -25.85 11.41
C VAL B 9 23.74 -24.40 11.83
N SER B 10 24.32 -23.62 10.92
CA SER B 10 24.49 -22.18 11.16
C SER B 10 23.11 -21.53 11.29
N ASP B 11 22.81 -20.97 12.46
CA ASP B 11 21.45 -20.57 12.78
C ASP B 11 21.27 -19.05 12.94
N LEU B 12 21.91 -18.29 12.07
CA LEU B 12 21.70 -16.83 12.05
C LEU B 12 20.23 -16.44 11.82
N PRO B 13 19.58 -16.98 10.77
CA PRO B 13 18.19 -16.53 10.56
C PRO B 13 17.20 -17.05 11.59
N ASN B 14 17.62 -18.02 12.39
CA ASN B 14 16.74 -18.70 13.33
C ASN B 14 16.22 -17.77 14.43
N ASN B 15 16.97 -16.70 14.71
CA ASN B 15 16.60 -15.79 15.79
C ASN B 15 15.19 -15.24 15.61
N CYS B 16 14.77 -15.12 14.35
CA CYS B 16 13.43 -14.65 14.07
C CYS B 16 12.39 -15.73 14.32
N LEU B 17 12.84 -16.98 14.35
CA LEU B 17 11.91 -18.08 14.52
C LEU B 17 11.47 -18.25 15.97
N ASN B 18 12.38 -18.52 16.91
CA ASN B 18 11.89 -18.56 18.30
C ASN B 18 11.68 -17.13 18.77
N ALA B 19 10.46 -16.64 18.59
CA ALA B 19 10.09 -15.35 19.15
C ALA B 19 9.07 -15.58 20.26
N SER B 20 8.85 -16.84 20.59
CA SER B 20 8.05 -17.20 21.76
C SER B 20 9.01 -17.40 22.92
N SER B 21 10.27 -17.08 22.67
CA SER B 21 11.34 -17.28 23.65
C SER B 21 12.14 -16.01 23.84
N LEU B 22 11.70 -14.92 23.25
CA LEU B 22 12.51 -13.70 23.25
C LEU B 22 11.69 -12.42 23.37
N LYS B 23 12.36 -11.34 23.78
CA LYS B 23 11.73 -10.04 23.83
C LYS B 23 11.48 -9.55 22.41
N CYS B 24 10.21 -9.36 22.07
CA CYS B 24 9.82 -9.08 20.68
C CYS B 24 9.02 -7.80 20.55
N GLU B 25 9.13 -7.14 19.40
CA GLU B 25 8.36 -5.93 19.15
C GLU B 25 7.93 -5.84 17.69
N ILE B 26 6.62 -5.77 17.46
CA ILE B 26 6.08 -5.60 16.12
C ILE B 26 6.27 -4.15 15.72
N LYS B 27 6.78 -3.91 14.53
CA LYS B 27 7.01 -2.54 14.09
C LYS B 27 5.99 -2.12 13.05
N GLY B 28 5.37 -3.11 12.40
CA GLY B 28 4.40 -2.84 11.37
C GLY B 28 3.59 -4.05 10.94
N ILE B 29 2.30 -3.82 10.69
CA ILE B 29 1.40 -4.85 10.17
C ILE B 29 0.87 -4.44 8.80
N SER B 30 1.14 -5.24 7.78
CA SER B 30 0.61 -4.99 6.45
C SER B 30 -0.52 -5.98 6.18
N THR B 31 -1.10 -5.90 4.99
CA THR B 31 -2.18 -6.80 4.64
C THR B 31 -1.73 -8.26 4.54
N TYR B 32 -0.49 -8.48 4.11
CA TYR B 32 -0.05 -9.82 3.76
C TYR B 32 1.19 -10.29 4.50
N ASN B 33 1.73 -9.45 5.38
CA ASN B 33 2.84 -9.87 6.23
C ASN B 33 3.09 -8.93 7.43
N VAL B 34 3.96 -9.36 8.34
CA VAL B 34 4.22 -8.60 9.58
C VAL B 34 5.69 -8.18 9.69
N TYR B 35 5.94 -6.96 10.16
CA TYR B 35 7.30 -6.47 10.36
C TYR B 35 7.63 -6.30 11.86
N TYR B 36 8.53 -7.15 12.35
CA TYR B 36 8.88 -7.17 13.77
C TYR B 36 10.37 -7.37 14.01
N GLN B 37 10.85 -6.88 15.15
CA GLN B 37 12.23 -7.15 15.53
C GLN B 37 12.29 -7.82 16.90
N VAL B 38 13.31 -8.65 17.10
CA VAL B 38 13.48 -9.37 18.36
C VAL B 38 14.87 -9.13 18.95
N GLU B 39 14.96 -9.14 20.27
CA GLU B 39 16.24 -8.96 20.95
C GLU B 39 16.76 -10.26 21.55
N ASN B 40 18.06 -10.46 21.42
CA ASN B 40 18.74 -11.57 22.07
C ASN B 40 20.12 -11.04 22.44
N ASN B 41 20.61 -11.39 23.63
CA ASN B 41 21.95 -10.99 24.09
C ASN B 41 22.33 -9.55 23.74
N GLY B 42 21.36 -8.64 23.77
CA GLY B 42 21.61 -7.26 23.42
C GLY B 42 21.64 -6.95 21.93
N VAL B 43 21.66 -7.97 21.09
CA VAL B 43 21.66 -7.75 19.63
C VAL B 43 20.24 -7.79 19.06
N ILE B 44 19.92 -6.77 18.28
CA ILE B 44 18.61 -6.61 17.66
C ILE B 44 18.55 -7.22 16.25
N TYR B 45 17.55 -8.07 16.01
CA TYR B 45 17.35 -8.67 14.69
C TYR B 45 16.04 -8.20 14.09
N SER B 46 16.07 -7.77 12.83
CA SER B 46 14.84 -7.40 12.13
C SER B 46 14.31 -8.60 11.34
N CYS B 47 12.98 -8.76 11.33
CA CYS B 47 12.31 -9.88 10.68
C CYS B 47 11.07 -9.44 9.91
N VAL B 48 10.76 -10.14 8.83
CA VAL B 48 9.50 -9.99 8.13
C VAL B 48 8.93 -11.39 7.89
N SER B 49 7.66 -11.58 8.22
CA SER B 49 7.06 -12.91 8.05
C SER B 49 5.63 -12.85 7.49
N ASP B 50 5.24 -13.92 6.80
CA ASP B 50 3.87 -14.03 6.31
C ASP B 50 3.06 -14.94 7.23
N SER B 51 3.60 -15.16 8.42
CA SER B 51 3.02 -16.06 9.41
C SER B 51 2.85 -15.35 10.76
N ALA B 52 1.64 -15.40 11.31
CA ALA B 52 1.35 -14.69 12.55
C ALA B 52 1.57 -15.56 13.79
N GLU B 53 1.92 -16.82 13.57
CA GLU B 53 2.08 -17.76 14.68
C GLU B 53 3.15 -17.28 15.66
N GLY B 54 2.90 -17.50 16.95
CA GLY B 54 3.89 -17.24 17.99
C GLY B 54 4.28 -15.80 18.25
N LEU B 55 3.49 -14.86 17.76
CA LEU B 55 3.81 -13.44 17.93
C LEU B 55 2.80 -12.79 18.87
N GLU B 56 2.09 -13.60 19.64
CA GLU B 56 0.98 -13.10 20.44
C GLU B 56 1.49 -12.19 21.54
N LYS B 57 2.63 -12.56 22.12
CA LYS B 57 3.17 -11.85 23.27
C LYS B 57 4.00 -10.62 22.88
N CYS B 58 4.33 -10.49 21.60
CA CYS B 58 5.07 -9.32 21.10
C CYS B 58 4.33 -8.05 21.45
N ASP B 59 5.06 -6.96 21.60
CA ASP B 59 4.40 -5.67 21.76
C ASP B 59 3.83 -5.25 20.41
N ASN B 60 2.70 -4.54 20.45
CA ASN B 60 1.96 -4.09 19.27
C ASN B 60 1.30 -5.25 18.53
N SER B 61 1.05 -6.36 19.24
CA SER B 61 0.39 -7.52 18.62
C SER B 61 -1.13 -7.44 18.67
N LEU B 62 -1.64 -6.26 19.01
CA LEU B 62 -3.08 -6.09 19.18
C LEU B 62 -3.86 -6.30 17.88
N ASN B 63 -3.36 -5.72 16.80
CA ASN B 63 -4.07 -5.82 15.53
C ASN B 63 -3.51 -6.92 14.65
N LEU B 64 -2.78 -7.85 15.25
CA LEU B 64 -2.23 -8.98 14.51
C LEU B 64 -3.38 -9.88 14.09
N PRO B 65 -3.58 -10.01 12.77
CA PRO B 65 -4.71 -10.80 12.26
C PRO B 65 -4.58 -12.27 12.62
N LYS B 66 -5.61 -13.06 12.28
CA LYS B 66 -5.64 -14.47 12.64
C LYS B 66 -4.63 -15.23 11.80
N ARG B 67 -4.61 -14.95 10.51
CA ARG B 67 -3.58 -15.47 9.63
C ARG B 67 -3.42 -14.53 8.42
N PHE B 68 -2.36 -14.71 7.66
CA PHE B 68 -2.11 -13.87 6.49
C PHE B 68 -2.46 -14.61 5.21
N SER B 69 -3.12 -13.92 4.29
CA SER B 69 -3.40 -14.52 3.00
C SER B 69 -2.09 -14.76 2.23
N LYS B 70 -1.96 -15.91 1.57
CA LYS B 70 -0.72 -16.24 0.88
C LYS B 70 -0.82 -16.11 -0.64
N VAL B 71 -1.68 -15.21 -1.12
CA VAL B 71 -1.82 -15.03 -2.55
C VAL B 71 -0.66 -14.21 -3.08
N PRO B 72 -0.17 -14.57 -4.28
CA PRO B 72 0.94 -13.84 -4.91
C PRO B 72 0.59 -12.38 -5.20
N VAL B 73 1.36 -11.45 -4.64
CA VAL B 73 1.16 -10.03 -4.91
C VAL B 73 2.50 -9.37 -5.27
N ILE B 74 2.45 -8.24 -5.98
CA ILE B 74 3.67 -7.51 -6.31
C ILE B 74 3.37 -6.02 -6.16
N PRO B 75 4.42 -5.20 -5.98
CA PRO B 75 4.21 -3.76 -5.85
C PRO B 75 3.54 -3.12 -7.05
N ILE B 76 2.66 -2.16 -6.80
CA ILE B 76 2.14 -1.30 -7.84
C ILE B 76 3.16 -0.20 -8.13
N THR B 77 3.58 -0.08 -9.38
CA THR B 77 4.62 0.88 -9.71
C THR B 77 4.10 2.06 -10.52
N LYS B 78 3.05 1.85 -11.32
CA LYS B 78 2.36 2.97 -11.96
C LYS B 78 1.30 3.50 -11.01
N LEU B 79 1.47 4.72 -10.54
CA LEU B 79 0.60 5.20 -9.47
C LEU B 79 -0.84 5.45 -9.92
N ASP B 80 -1.06 5.63 -11.22
CA ASP B 80 -2.40 5.99 -11.67
C ASP B 80 -3.33 4.78 -11.77
N ASN B 81 -2.78 3.58 -11.72
CA ASN B 81 -3.67 2.44 -11.64
C ASN B 81 -3.55 1.80 -10.25
N LYS B 82 -3.47 2.67 -9.26
CA LYS B 82 -3.51 2.29 -7.85
C LYS B 82 -4.96 2.03 -7.41
N ARG B 83 -5.85 2.97 -7.74
CA ARG B 83 -7.26 2.86 -7.36
C ARG B 83 -7.91 1.62 -7.96
N HIS B 84 -7.50 1.27 -9.16
CA HIS B 84 -8.03 0.11 -9.87
C HIS B 84 -7.56 -1.20 -9.25
N PHE B 85 -6.25 -1.38 -9.12
CA PHE B 85 -5.70 -2.70 -8.82
C PHE B 85 -5.32 -2.98 -7.38
N SER B 86 -5.38 -1.97 -6.51
CA SER B 86 -4.89 -2.15 -5.15
C SER B 86 -5.65 -3.24 -4.41
N VAL B 87 -4.92 -4.08 -3.70
CA VAL B 87 -5.53 -5.12 -2.85
C VAL B 87 -4.93 -5.10 -1.45
N GLY B 88 -4.30 -3.97 -1.10
CA GLY B 88 -3.68 -3.83 0.21
C GLY B 88 -2.22 -3.43 0.15
N THR B 89 -1.48 -3.78 1.20
CA THR B 89 -0.08 -3.43 1.29
C THR B 89 0.73 -4.62 1.76
N LYS B 90 2.03 -4.58 1.49
CA LYS B 90 2.92 -5.65 1.93
C LYS B 90 4.32 -5.10 2.19
N PHE B 91 5.09 -5.81 3.03
CA PHE B 91 6.46 -5.44 3.33
C PHE B 91 7.42 -6.13 2.38
N PHE B 92 8.41 -5.37 1.92
CA PHE B 92 9.44 -5.88 1.03
C PHE B 92 10.81 -5.43 1.50
N ILE B 93 11.82 -6.22 1.19
CA ILE B 93 13.19 -5.83 1.45
C ILE B 93 13.66 -4.96 0.28
N SER B 94 14.43 -3.93 0.61
CA SER B 94 14.93 -2.99 -0.38
C SER B 94 16.29 -2.51 0.06
N GLU B 95 16.94 -1.71 -0.78
CA GLU B 95 18.26 -1.19 -0.49
C GLU B 95 18.19 0.08 0.34
N SER B 96 19.16 0.29 1.21
CA SER B 96 19.23 1.53 1.98
C SER B 96 19.64 2.72 1.11
N LEU B 97 19.03 3.87 1.38
CA LEU B 97 19.32 5.08 0.64
C LEU B 97 20.61 5.74 1.13
N THR B 98 21.09 5.28 2.28
CA THR B 98 22.30 5.84 2.87
C THR B 98 23.36 4.75 3.02
N GLN B 99 23.18 3.68 2.27
CA GLN B 99 24.09 2.52 2.23
C GLN B 99 24.19 1.75 3.55
N ASP B 100 23.38 2.12 4.53
CA ASP B 100 23.37 1.38 5.79
C ASP B 100 22.47 0.15 5.73
N ASN B 101 22.77 -0.76 4.79
CA ASN B 101 22.04 -2.02 4.69
C ASN B 101 22.28 -2.86 5.94
N TYR B 102 21.23 -3.12 6.70
CA TYR B 102 21.37 -3.92 7.92
C TYR B 102 20.85 -5.35 7.69
N PRO B 103 21.33 -6.33 8.50
CA PRO B 103 20.89 -7.71 8.38
C PRO B 103 19.42 -7.87 8.73
N ILE B 104 18.72 -8.66 7.95
CA ILE B 104 17.29 -8.81 8.11
C ILE B 104 16.86 -10.11 7.44
N THR B 105 15.85 -10.75 8.02
CA THR B 105 15.40 -12.04 7.51
C THR B 105 13.96 -11.97 6.97
N TYR B 106 13.81 -12.38 5.72
CA TYR B 106 12.52 -12.32 5.04
C TYR B 106 11.99 -13.72 4.75
N ASN B 107 10.84 -14.05 5.33
CA ASN B 107 10.23 -15.37 5.21
C ASN B 107 11.29 -16.46 5.34
N SER B 108 12.10 -16.32 6.38
CA SER B 108 13.19 -17.26 6.67
C SER B 108 14.23 -17.29 5.57
N TYR B 109 14.50 -16.13 4.99
CA TYR B 109 15.62 -15.97 4.07
C TYR B 109 16.50 -14.84 4.60
N PRO B 110 17.75 -15.16 4.97
CA PRO B 110 18.72 -14.17 5.42
C PRO B 110 19.12 -13.19 4.32
N THR B 111 19.12 -11.90 4.61
CA THR B 111 19.54 -10.90 3.61
C THR B 111 19.99 -9.59 4.25
N ASN B 112 20.50 -8.71 3.40
CA ASN B 112 20.86 -7.36 3.80
C ASN B 112 19.94 -6.38 3.08
N GLY B 113 19.59 -5.27 3.72
CA GLY B 113 18.72 -4.30 3.11
C GLY B 113 17.93 -3.52 4.14
N THR B 114 16.80 -2.95 3.73
CA THR B 114 15.92 -2.28 4.68
C THR B 114 14.49 -2.73 4.42
N VAL B 115 13.53 -2.10 5.08
CA VAL B 115 12.14 -2.50 4.87
C VAL B 115 11.37 -1.47 4.06
N CYS B 116 10.73 -1.93 2.99
CA CYS B 116 9.83 -1.12 2.21
C CYS B 116 8.37 -1.55 2.45
N LEU B 117 7.46 -0.59 2.61
CA LEU B 117 6.03 -0.90 2.69
C LEU B 117 5.33 -0.37 1.46
N GLN B 118 4.62 -1.23 0.74
CA GLN B 118 4.10 -0.84 -0.56
C GLN B 118 2.70 -1.36 -0.86
N THR B 119 1.88 -0.51 -1.44
CA THR B 119 0.60 -0.93 -1.98
C THR B 119 0.84 -1.98 -3.05
N VAL B 120 0.07 -3.06 -3.03
CA VAL B 120 0.31 -4.15 -3.95
C VAL B 120 -0.88 -4.50 -4.82
N LYS B 121 -0.63 -5.26 -5.87
CA LYS B 121 -1.68 -5.73 -6.76
C LYS B 121 -1.53 -7.24 -6.90
N LEU B 122 -2.62 -7.92 -7.24
CA LEU B 122 -2.56 -9.35 -7.48
C LEU B 122 -1.59 -9.64 -8.61
N SER B 123 -1.05 -10.85 -8.64
CA SER B 123 -0.16 -11.25 -9.73
C SER B 123 -0.19 -12.77 -9.91
N GLY B 124 0.32 -13.23 -11.03
CA GLY B 124 0.36 -14.66 -11.31
C GLY B 124 -0.61 -15.03 -12.41
N ASP B 125 -0.58 -16.31 -12.79
CA ASP B 125 -1.36 -16.78 -13.91
C ASP B 125 -2.75 -17.16 -13.47
N CYS B 126 -3.75 -16.56 -14.11
CA CYS B 126 -5.13 -16.89 -13.81
C CYS B 126 -5.93 -16.86 -15.10
N LYS B 127 -6.65 -17.95 -15.39
CA LYS B 127 -7.44 -18.04 -16.61
C LYS B 127 -8.89 -17.72 -16.32
N ILE B 128 -9.49 -16.86 -17.13
CA ILE B 128 -10.87 -16.44 -16.91
C ILE B 128 -11.73 -16.79 -18.10
N THR B 129 -12.82 -17.51 -17.83
CA THR B 129 -13.70 -17.94 -18.88
C THR B 129 -15.13 -17.75 -18.47
N LYS B 130 -16.02 -17.72 -19.45
CA LYS B 130 -17.44 -17.65 -19.18
C LYS B 130 -18.00 -19.05 -19.28
N SER B 131 -18.76 -19.43 -18.27
CA SER B 131 -19.22 -20.79 -18.16
C SER B 131 -20.46 -21.09 -18.97
N ASN B 132 -20.49 -22.31 -19.53
CA ASN B 132 -21.69 -22.86 -20.12
C ASN B 132 -22.71 -23.24 -19.05
N PHE B 133 -22.21 -23.70 -17.90
CA PHE B 133 -23.05 -24.43 -16.96
C PHE B 133 -24.15 -23.60 -16.29
N ALA B 134 -23.92 -22.31 -16.03
CA ALA B 134 -25.01 -21.55 -15.40
C ALA B 134 -25.60 -20.35 -16.19
N ASN B 135 -24.78 -19.33 -16.46
CA ASN B 135 -25.32 -18.04 -16.88
C ASN B 135 -24.18 -17.07 -17.25
N PRO B 136 -24.49 -15.98 -17.98
CA PRO B 136 -23.43 -15.01 -18.32
C PRO B 136 -22.87 -14.27 -17.12
N TYR B 137 -23.46 -14.49 -15.95
CA TYR B 137 -23.00 -13.85 -14.73
C TYR B 137 -22.26 -14.85 -13.84
N THR B 138 -21.94 -16.01 -14.41
CA THR B 138 -21.07 -16.97 -13.73
C THR B 138 -19.76 -17.16 -14.50
N VAL B 139 -18.63 -16.97 -13.82
CA VAL B 139 -17.33 -17.18 -14.45
C VAL B 139 -16.53 -18.28 -13.79
N SER B 140 -15.61 -18.84 -14.55
CA SER B 140 -14.69 -19.83 -14.01
C SER B 140 -13.27 -19.27 -14.04
N ILE B 141 -12.63 -19.31 -12.88
CA ILE B 141 -11.23 -18.91 -12.77
C ILE B 141 -10.38 -20.15 -12.48
N THR B 142 -9.29 -20.32 -13.24
CA THR B 142 -8.36 -21.41 -13.01
C THR B 142 -6.93 -20.92 -12.98
N SER B 143 -6.07 -21.64 -12.28
CA SER B 143 -4.67 -21.25 -12.15
C SER B 143 -3.78 -22.46 -11.92
N PRO B 144 -2.63 -22.49 -12.59
CA PRO B 144 -1.69 -23.60 -12.42
C PRO B 144 -0.87 -23.48 -11.14
N GLU B 145 -0.97 -22.35 -10.44
CA GLU B 145 -0.14 -22.13 -9.26
C GLU B 145 -0.82 -22.63 -8.01
N LYS B 146 -0.05 -22.81 -6.94
CA LYS B 146 -0.57 -23.42 -5.72
C LYS B 146 -1.69 -22.59 -5.10
N ILE B 147 -1.46 -21.29 -4.96
CA ILE B 147 -2.46 -20.40 -4.43
C ILE B 147 -2.62 -19.27 -5.42
N MET B 148 -3.86 -18.94 -5.75
CA MET B 148 -4.13 -17.78 -6.59
C MET B 148 -5.25 -16.96 -5.96
N GLY B 149 -5.16 -15.63 -6.08
CA GLY B 149 -6.15 -14.76 -5.50
C GLY B 149 -7.04 -14.05 -6.50
N TYR B 150 -8.29 -13.81 -6.12
CA TYR B 150 -9.15 -12.94 -6.91
C TYR B 150 -9.90 -12.00 -5.99
N LEU B 151 -10.35 -10.90 -6.57
CA LEU B 151 -11.07 -9.88 -5.84
C LEU B 151 -11.99 -9.17 -6.81
N ILE B 152 -13.24 -8.97 -6.42
CA ILE B 152 -14.14 -8.18 -7.24
C ILE B 152 -14.17 -6.79 -6.63
N LYS B 153 -13.92 -5.77 -7.46
CA LYS B 153 -13.65 -4.45 -6.93
C LYS B 153 -14.10 -3.35 -7.88
N LYS B 154 -14.75 -2.35 -7.31
CA LYS B 154 -15.02 -1.10 -8.00
C LYS B 154 -13.85 -0.19 -7.66
N PRO B 155 -13.33 0.55 -8.64
CA PRO B 155 -12.15 1.41 -8.40
C PRO B 155 -12.36 2.40 -7.26
N GLY B 156 -11.42 2.40 -6.32
CA GLY B 156 -11.51 3.30 -5.18
C GLY B 156 -11.99 2.64 -3.91
N GLU B 157 -12.60 1.47 -4.02
CA GLU B 157 -13.14 0.77 -2.86
C GLU B 157 -12.06 0.33 -1.89
N ASN B 158 -12.47 0.02 -0.66
CA ASN B 158 -11.58 -0.59 0.32
C ASN B 158 -12.12 -1.95 0.69
N VAL B 159 -11.80 -2.91 -0.17
CA VAL B 159 -12.28 -4.29 -0.07
C VAL B 159 -11.02 -5.13 0.04
N GLU B 160 -10.00 -4.51 0.63
CA GLU B 160 -8.66 -5.07 0.67
C GLU B 160 -8.57 -6.42 1.38
N HIS B 161 -9.37 -6.62 2.41
CA HIS B 161 -9.34 -7.88 3.15
C HIS B 161 -10.42 -8.85 2.66
N LYS B 162 -10.77 -8.76 1.39
CA LYS B 162 -11.73 -9.68 0.80
C LYS B 162 -11.10 -10.46 -0.36
N VAL B 163 -9.77 -10.47 -0.41
CA VAL B 163 -9.06 -11.35 -1.33
C VAL B 163 -9.43 -12.78 -1.06
N ILE B 164 -9.91 -13.47 -2.09
CA ILE B 164 -10.26 -14.87 -1.92
C ILE B 164 -9.15 -15.72 -2.51
N SER B 165 -8.63 -16.68 -1.73
CA SER B 165 -7.60 -17.60 -2.21
C SER B 165 -8.22 -18.88 -2.74
N PHE B 166 -7.72 -19.37 -3.87
CA PHE B 166 -8.21 -20.63 -4.40
C PHE B 166 -7.08 -21.45 -4.98
N SER B 167 -7.27 -22.77 -5.02
CA SER B 167 -6.24 -23.66 -5.55
C SER B 167 -6.76 -24.46 -6.74
N GLY B 168 -6.23 -24.16 -7.91
CA GLY B 168 -6.65 -24.84 -9.12
C GLY B 168 -7.83 -24.22 -9.82
N SER B 169 -8.99 -24.24 -9.19
CA SER B 169 -10.21 -23.79 -9.85
C SER B 169 -11.27 -23.29 -8.89
N ALA B 170 -12.06 -22.32 -9.33
CA ALA B 170 -13.20 -21.87 -8.56
C ALA B 170 -14.26 -21.31 -9.50
N SER B 171 -15.47 -21.20 -9.00
CA SER B 171 -16.56 -20.64 -9.78
C SER B 171 -17.18 -19.45 -9.05
N ILE B 172 -17.47 -18.38 -9.79
CA ILE B 172 -18.05 -17.17 -9.21
C ILE B 172 -19.34 -16.83 -9.94
N THR B 173 -20.37 -16.47 -9.18
CA THR B 173 -21.59 -15.96 -9.77
C THR B 173 -21.83 -14.55 -9.27
N PHE B 174 -21.74 -13.59 -10.18
CA PHE B 174 -21.80 -12.19 -9.80
C PHE B 174 -23.11 -11.84 -9.11
N THR B 175 -23.03 -11.05 -8.04
CA THR B 175 -24.22 -10.52 -7.40
C THR B 175 -24.72 -9.35 -8.22
N GLU B 176 -25.90 -8.84 -7.89
CA GLU B 176 -26.48 -7.78 -8.70
C GLU B 176 -25.75 -6.45 -8.53
N GLU B 177 -25.26 -6.18 -7.32
CA GLU B 177 -24.54 -4.95 -7.04
C GLU B 177 -23.25 -4.86 -7.85
N MET B 178 -22.77 -6.02 -8.29
CA MET B 178 -21.53 -6.11 -9.05
C MET B 178 -21.80 -5.94 -10.52
N LEU B 179 -23.07 -6.01 -10.89
CA LEU B 179 -23.44 -6.03 -12.29
C LEU B 179 -23.80 -4.63 -12.79
N ASP B 180 -23.20 -3.62 -12.20
CA ASP B 180 -23.20 -2.29 -12.81
C ASP B 180 -22.04 -2.28 -13.81
N GLY B 181 -21.70 -1.11 -14.34
CA GLY B 181 -20.59 -1.05 -15.28
C GLY B 181 -19.28 -0.65 -14.63
N GLU B 182 -19.20 -0.75 -13.30
CA GLU B 182 -18.02 -0.25 -12.62
C GLU B 182 -17.24 -1.27 -11.79
N HIS B 183 -17.67 -2.52 -11.77
CA HIS B 183 -16.94 -3.53 -11.02
C HIS B 183 -15.96 -4.31 -11.90
N ASN B 184 -14.75 -4.53 -11.42
CA ASN B 184 -13.78 -5.31 -12.15
C ASN B 184 -13.39 -6.56 -11.40
N LEU B 185 -13.33 -7.68 -12.11
CA LEU B 185 -12.83 -8.93 -11.55
C LEU B 185 -11.33 -8.98 -11.69
N LEU B 186 -10.63 -8.90 -10.56
CA LEU B 186 -9.19 -8.98 -10.55
C LEU B 186 -8.81 -10.40 -10.16
N CYS B 187 -8.00 -11.04 -10.98
CA CYS B 187 -7.47 -12.36 -10.65
C CYS B 187 -6.05 -12.48 -11.17
N GLY B 188 -5.11 -12.74 -10.27
CA GLY B 188 -3.70 -12.75 -10.65
C GLY B 188 -3.34 -11.43 -11.31
N ASP B 189 -2.62 -11.47 -12.42
CA ASP B 189 -2.29 -10.21 -13.05
C ASP B 189 -3.36 -9.78 -14.05
N LYS B 190 -4.57 -10.32 -13.93
CA LYS B 190 -5.64 -10.04 -14.89
C LYS B 190 -6.72 -9.12 -14.36
N SER B 191 -7.31 -8.32 -15.25
CA SER B 191 -8.44 -7.51 -14.88
C SER B 191 -9.47 -7.59 -15.97
N ALA B 192 -10.69 -7.88 -15.58
CA ALA B 192 -11.77 -8.04 -16.55
C ALA B 192 -12.97 -7.25 -16.09
N LYS B 193 -13.56 -6.49 -17.01
CA LYS B 193 -14.74 -5.71 -16.70
C LYS B 193 -15.92 -6.63 -16.51
N ILE B 194 -16.63 -6.45 -15.41
CA ILE B 194 -17.87 -7.18 -15.16
C ILE B 194 -19.03 -6.46 -15.82
N PRO B 195 -19.74 -7.14 -16.73
CA PRO B 195 -20.82 -6.55 -17.55
C PRO B 195 -21.95 -5.95 -16.74
N LYS B 196 -22.67 -5.01 -17.35
CA LYS B 196 -23.85 -4.44 -16.73
C LYS B 196 -25.03 -5.37 -16.98
N THR B 197 -25.92 -5.49 -15.99
CA THR B 197 -26.97 -6.52 -16.02
C THR B 197 -27.92 -6.33 -17.19
N ASN B 198 -28.34 -5.10 -17.44
CA ASN B 198 -29.27 -4.80 -18.53
C ASN B 198 -28.86 -3.52 -19.26
N LEU C 12 -6.99 14.39 44.23
CA LEU C 12 -6.60 12.98 44.15
C LEU C 12 -5.84 12.68 42.86
N PRO C 13 -4.72 11.93 42.97
CA PRO C 13 -3.95 11.47 41.81
C PRO C 13 -4.76 10.64 40.81
N ASN C 14 -4.64 10.96 39.53
CA ASN C 14 -5.28 10.19 38.46
C ASN C 14 -4.18 9.51 37.68
N ASN C 15 -4.03 8.21 37.90
CA ASN C 15 -2.91 7.48 37.33
C ASN C 15 -2.99 7.33 35.81
N CYS C 16 -4.12 7.67 35.23
CA CYS C 16 -4.26 7.53 33.79
C CYS C 16 -3.92 8.75 32.99
N LEU C 17 -3.25 9.69 33.65
CA LEU C 17 -2.74 10.86 32.99
C LEU C 17 -1.22 10.72 33.06
N ASN C 18 -0.80 9.85 33.97
CA ASN C 18 0.61 9.59 34.20
C ASN C 18 1.08 8.42 33.34
N ALA C 19 0.44 8.25 32.19
CA ALA C 19 0.70 7.12 31.30
C ALA C 19 2.10 7.16 30.69
N SER C 20 2.68 8.35 30.62
CA SER C 20 4.03 8.49 30.10
C SER C 20 5.02 7.74 30.99
N SER C 21 4.87 7.93 32.30
CA SER C 21 5.82 7.43 33.28
C SER C 21 5.33 6.19 34.01
N LEU C 22 4.31 5.54 33.47
CA LEU C 22 3.81 4.30 34.05
C LEU C 22 3.88 3.16 33.04
N LYS C 23 3.88 1.93 33.54
CA LYS C 23 3.76 0.76 32.68
C LYS C 23 2.35 0.73 32.12
N CYS C 24 2.23 0.58 30.80
CA CYS C 24 0.98 0.89 30.13
C CYS C 24 0.69 -0.05 28.95
N GLU C 25 -0.60 -0.33 28.74
CA GLU C 25 -1.03 -1.28 27.73
C GLU C 25 -2.36 -0.85 27.11
N ILE C 26 -2.34 -0.62 25.79
CA ILE C 26 -3.57 -0.36 25.03
C ILE C 26 -4.37 -1.64 24.90
N LYS C 27 -5.67 -1.56 25.17
CA LYS C 27 -6.53 -2.73 25.07
C LYS C 27 -7.45 -2.63 23.86
N GLY C 28 -7.72 -1.40 23.45
CA GLY C 28 -8.57 -1.17 22.29
C GLY C 28 -8.52 0.26 21.78
N ILE C 29 -8.56 0.39 20.45
CA ILE C 29 -8.59 1.67 19.78
C ILE C 29 -9.85 1.75 18.92
N SER C 30 -10.79 2.61 19.30
CA SER C 30 -12.02 2.80 18.54
C SER C 30 -11.88 3.90 17.49
N THR C 31 -13.01 4.33 16.94
CA THR C 31 -12.98 5.42 15.96
C THR C 31 -12.85 6.76 16.67
N TYR C 32 -13.35 6.84 17.89
CA TYR C 32 -13.39 8.12 18.58
C TYR C 32 -12.75 8.14 19.97
N ASN C 33 -12.23 7.01 20.44
CA ASN C 33 -11.47 7.00 21.68
C ASN C 33 -10.58 5.76 21.79
N VAL C 34 -9.80 5.71 22.87
CA VAL C 34 -8.82 4.65 23.09
C VAL C 34 -9.01 4.07 24.49
N TYR C 35 -8.94 2.76 24.61
CA TYR C 35 -9.05 2.10 25.91
C TYR C 35 -7.70 1.48 26.29
N TYR C 36 -7.13 1.96 27.40
CA TYR C 36 -5.83 1.48 27.85
C TYR C 36 -5.87 1.29 29.35
N GLN C 37 -4.93 0.52 29.89
CA GLN C 37 -4.80 0.42 31.34
C GLN C 37 -3.35 0.57 31.78
N VAL C 38 -3.16 0.86 33.07
CA VAL C 38 -1.87 1.22 33.63
C VAL C 38 -1.65 0.52 34.97
N GLU C 39 -0.39 0.26 35.29
CA GLU C 39 -0.07 -0.39 36.55
C GLU C 39 0.71 0.57 37.43
N ASN C 40 0.01 1.11 38.44
CA ASN C 40 0.65 1.99 39.43
C ASN C 40 0.66 1.34 40.80
N ASN C 41 1.85 1.24 41.37
CA ASN C 41 2.06 0.63 42.68
C ASN C 41 1.55 -0.81 42.67
N GLY C 42 1.69 -1.49 41.54
CA GLY C 42 1.29 -2.87 41.40
C GLY C 42 -0.21 -3.09 41.25
N VAL C 43 -0.93 -2.03 40.94
CA VAL C 43 -2.38 -2.10 40.78
C VAL C 43 -2.77 -1.66 39.39
N ILE C 44 -3.66 -2.42 38.76
CA ILE C 44 -4.14 -2.08 37.43
C ILE C 44 -5.32 -1.13 37.53
N TYR C 45 -5.27 -0.08 36.70
CA TYR C 45 -6.34 0.91 36.56
C TYR C 45 -6.72 1.00 35.08
N SER C 46 -8.02 1.05 34.77
CA SER C 46 -8.45 1.09 33.37
C SER C 46 -9.00 2.46 32.99
N CYS C 47 -8.72 2.90 31.76
CA CYS C 47 -9.12 4.24 31.34
C CYS C 47 -9.53 4.40 29.90
N VAL C 48 -10.46 5.32 29.69
CA VAL C 48 -10.96 5.66 28.37
C VAL C 48 -10.72 7.14 28.11
N SER C 49 -9.77 7.41 27.23
CA SER C 49 -9.44 8.78 26.86
C SER C 49 -9.79 9.03 25.39
N ASP C 50 -10.19 10.25 25.06
CA ASP C 50 -10.41 10.57 23.65
C ASP C 50 -9.23 11.38 23.14
N SER C 51 -8.05 11.03 23.63
CA SER C 51 -6.82 11.67 23.21
C SER C 51 -5.67 10.67 23.05
N ALA C 52 -5.04 10.70 21.88
CA ALA C 52 -3.90 9.83 21.59
C ALA C 52 -2.62 10.41 22.14
N GLU C 53 -2.71 11.59 22.72
CA GLU C 53 -1.52 12.27 23.20
C GLU C 53 -1.04 11.63 24.49
N GLY C 54 0.18 11.12 24.48
CA GLY C 54 0.82 10.66 25.69
C GLY C 54 0.96 9.15 25.79
N LEU C 55 0.42 8.46 24.81
CA LEU C 55 0.28 7.01 24.92
C LEU C 55 1.27 6.22 24.07
N GLU C 56 2.37 6.85 23.66
CA GLU C 56 3.29 6.19 22.74
C GLU C 56 4.17 5.16 23.43
N LYS C 57 4.37 5.32 24.73
CA LYS C 57 5.17 4.36 25.47
C LYS C 57 4.33 3.13 25.83
N CYS C 58 3.00 3.28 25.76
CA CYS C 58 2.10 2.16 26.00
C CYS C 58 2.29 1.04 24.99
N ASP C 59 2.03 -0.18 25.42
CA ASP C 59 2.04 -1.31 24.50
C ASP C 59 0.80 -1.25 23.61
N ASN C 60 0.94 -1.77 22.39
CA ASN C 60 -0.08 -1.69 21.33
C ASN C 60 -0.38 -0.26 20.94
N SER C 61 0.68 0.55 20.86
CA SER C 61 0.54 1.95 20.48
C SER C 61 0.62 2.15 18.97
N LEU C 62 1.00 1.09 18.27
CA LEU C 62 1.29 1.13 16.84
C LEU C 62 0.18 1.74 15.97
N ASN C 63 -1.07 1.39 16.25
CA ASN C 63 -2.17 1.78 15.37
C ASN C 63 -3.02 2.88 15.97
N LEU C 64 -2.42 3.69 16.82
CA LEU C 64 -3.11 4.87 17.32
C LEU C 64 -3.26 5.88 16.21
N PRO C 65 -4.42 6.55 16.15
CA PRO C 65 -4.52 7.69 15.25
C PRO C 65 -3.60 8.80 15.71
N LYS C 66 -3.59 9.92 14.99
CA LYS C 66 -2.85 11.06 15.49
C LYS C 66 -3.80 11.98 16.21
N ARG C 67 -5.07 11.91 15.82
CA ARG C 67 -6.10 12.72 16.45
C ARG C 67 -7.40 11.96 16.46
N PHE C 68 -8.17 12.13 17.53
CA PHE C 68 -9.51 11.57 17.56
C PHE C 68 -10.50 12.67 17.28
N SER C 69 -11.37 12.45 16.29
CA SER C 69 -12.43 13.41 16.03
C SER C 69 -13.25 13.61 17.29
N LYS C 70 -13.43 14.87 17.67
CA LYS C 70 -14.14 15.16 18.91
C LYS C 70 -15.53 15.68 18.61
N VAL C 71 -16.10 15.21 17.50
CA VAL C 71 -17.47 15.55 17.15
C VAL C 71 -18.40 14.80 18.08
N PRO C 72 -19.55 15.42 18.41
CA PRO C 72 -20.54 14.79 19.28
C PRO C 72 -21.13 13.54 18.65
N VAL C 73 -21.35 12.50 19.46
CA VAL C 73 -21.82 11.23 18.93
C VAL C 73 -22.34 10.34 20.05
N ILE C 74 -23.40 9.58 19.77
CA ILE C 74 -23.97 8.67 20.77
C ILE C 74 -24.29 7.33 20.11
N PRO C 75 -24.53 6.27 20.91
CA PRO C 75 -24.69 4.92 20.34
C PRO C 75 -25.91 4.70 19.45
N ILE C 76 -25.83 3.70 18.57
CA ILE C 76 -27.00 3.26 17.82
C ILE C 76 -27.73 2.17 18.62
N THR C 77 -28.53 2.58 19.59
CA THR C 77 -29.26 1.61 20.40
C THR C 77 -30.47 1.16 19.61
N LYS C 78 -31.00 2.05 18.80
CA LYS C 78 -32.15 1.76 17.97
C LYS C 78 -31.84 0.70 16.91
N LEU C 79 -30.55 0.43 16.71
CA LEU C 79 -30.06 -0.47 15.65
C LEU C 79 -30.59 0.00 14.31
N ASP C 80 -30.84 1.31 14.26
CA ASP C 80 -31.57 1.94 13.17
C ASP C 80 -30.65 2.21 11.98
N ASN C 81 -30.74 1.37 10.95
CA ASN C 81 -29.98 1.56 9.71
C ASN C 81 -28.50 1.75 10.02
N LYS C 82 -27.89 0.70 10.59
CA LYS C 82 -26.45 0.68 10.78
C LYS C 82 -25.78 1.01 9.46
N ARG C 83 -26.30 0.41 8.40
CA ARG C 83 -25.80 0.65 7.07
C ARG C 83 -25.85 2.14 6.70
N HIS C 84 -26.86 2.87 7.20
CA HIS C 84 -27.08 4.25 6.77
C HIS C 84 -26.58 5.31 7.75
N PHE C 85 -26.75 5.08 9.05
CA PHE C 85 -26.46 6.13 10.03
C PHE C 85 -25.11 5.99 10.74
N SER C 86 -24.51 4.81 10.68
CA SER C 86 -23.28 4.55 11.43
C SER C 86 -22.10 5.37 10.93
N VAL C 87 -21.27 5.83 11.86
CA VAL C 87 -20.10 6.62 11.52
C VAL C 87 -18.83 6.05 12.15
N GLY C 88 -18.97 4.94 12.87
CA GLY C 88 -17.81 4.29 13.48
C GLY C 88 -18.06 3.62 14.82
N THR C 89 -16.99 3.44 15.59
CA THR C 89 -17.08 2.76 16.88
C THR C 89 -16.51 3.62 18.00
N LYS C 90 -17.07 3.48 19.20
CA LYS C 90 -16.58 4.22 20.35
C LYS C 90 -16.67 3.37 21.62
N PHE C 91 -15.77 3.62 22.56
CA PHE C 91 -15.80 2.92 23.85
C PHE C 91 -16.69 3.63 24.85
N PHE C 92 -17.44 2.85 25.63
CA PHE C 92 -18.28 3.39 26.70
C PHE C 92 -18.16 2.57 27.97
N ILE C 93 -18.69 3.11 29.07
CA ILE C 93 -18.91 2.30 30.26
C ILE C 93 -20.33 1.75 30.15
N SER C 94 -20.46 0.42 30.13
CA SER C 94 -21.74 -0.22 29.85
C SER C 94 -22.86 0.25 30.78
N GLU C 95 -22.53 0.41 32.05
CA GLU C 95 -23.52 0.84 33.04
C GLU C 95 -23.84 2.33 32.86
N SER C 96 -24.51 2.66 31.76
CA SER C 96 -24.83 4.05 31.43
C SER C 96 -25.97 4.12 30.40
N PRO C 110 -10.06 7.51 36.19
CA PRO C 110 -10.15 6.08 35.90
C PRO C 110 -11.56 5.60 35.57
N THR C 111 -11.86 4.35 35.89
CA THR C 111 -13.11 3.73 35.47
C THR C 111 -13.70 2.83 36.53
N ASN C 112 -14.98 3.07 36.80
CA ASN C 112 -15.71 2.43 37.87
C ASN C 112 -16.78 1.55 37.22
N GLY C 113 -16.41 0.90 36.13
CA GLY C 113 -17.36 0.09 35.39
C GLY C 113 -16.74 -0.68 34.24
N THR C 114 -17.58 -1.34 33.44
CA THR C 114 -17.11 -2.19 32.35
C THR C 114 -16.96 -1.42 31.05
N VAL C 115 -15.75 -1.41 30.50
CA VAL C 115 -15.53 -0.76 29.20
C VAL C 115 -16.25 -1.58 28.13
N CYS C 116 -16.83 -0.87 27.15
CA CYS C 116 -17.75 -1.48 26.21
C CYS C 116 -17.62 -0.79 24.85
N LEU C 117 -17.51 -1.57 23.78
CA LEU C 117 -17.41 -1.01 22.44
C LEU C 117 -18.78 -0.94 21.78
N GLN C 118 -19.08 0.20 21.14
CA GLN C 118 -20.39 0.44 20.55
C GLN C 118 -20.31 1.01 19.15
N THR C 119 -21.20 0.59 18.26
CA THR C 119 -21.32 1.24 16.96
C THR C 119 -22.06 2.55 17.19
N VAL C 120 -21.71 3.60 16.46
CA VAL C 120 -22.09 4.93 16.90
C VAL C 120 -22.68 5.80 15.78
N LYS C 121 -23.55 6.74 16.14
CA LYS C 121 -24.16 7.64 15.15
C LYS C 121 -24.06 9.10 15.57
N LEU C 122 -23.79 9.98 14.59
CA LEU C 122 -23.74 11.41 14.84
C LEU C 122 -25.00 11.96 15.51
N SER C 123 -24.85 13.04 16.25
CA SER C 123 -25.99 13.67 16.92
C SER C 123 -25.71 15.12 17.29
N GLY C 124 -26.79 15.87 17.55
CA GLY C 124 -26.71 17.28 17.86
C GLY C 124 -27.78 17.98 17.07
N ASP C 125 -27.84 19.31 17.09
CA ASP C 125 -28.74 20.00 16.18
C ASP C 125 -27.95 20.60 15.05
N CYS C 126 -28.17 20.07 13.85
CA CYS C 126 -27.52 20.58 12.68
C CYS C 126 -28.60 21.05 11.73
N LYS C 127 -28.47 22.28 11.25
CA LYS C 127 -29.47 22.81 10.33
C LYS C 127 -29.00 22.64 8.90
N ILE C 128 -29.73 21.82 8.16
CA ILE C 128 -29.47 21.60 6.74
C ILE C 128 -30.21 22.68 5.95
N THR C 129 -29.54 23.26 4.97
CA THR C 129 -30.24 24.23 4.13
C THR C 129 -29.72 24.19 2.70
N LYS C 130 -30.62 24.39 1.75
CA LYS C 130 -30.29 24.45 0.34
C LYS C 130 -29.48 25.71 0.06
N SER C 131 -29.00 25.86 -1.16
CA SER C 131 -28.21 27.04 -1.50
C SER C 131 -29.01 28.07 -2.29
N ASN C 132 -29.10 29.29 -1.76
CA ASN C 132 -29.80 30.37 -2.44
C ASN C 132 -29.15 30.73 -3.78
N PHE C 133 -27.85 30.50 -3.88
CA PHE C 133 -27.13 30.70 -5.12
C PHE C 133 -27.48 29.65 -6.17
N ALA C 134 -26.96 29.77 -7.39
CA ALA C 134 -27.40 28.93 -8.52
C ALA C 134 -27.11 27.45 -8.36
N ASN C 135 -25.87 27.12 -7.99
CA ASN C 135 -25.39 25.75 -7.96
C ASN C 135 -26.42 24.90 -7.27
N PRO C 136 -27.16 24.09 -8.06
CA PRO C 136 -28.26 23.34 -7.47
C PRO C 136 -27.72 22.24 -6.55
N TYR C 137 -26.50 21.79 -6.83
CA TYR C 137 -25.92 20.66 -6.12
C TYR C 137 -25.53 20.98 -4.67
N THR C 138 -24.93 22.14 -4.43
CA THR C 138 -24.42 22.44 -3.09
C THR C 138 -25.50 22.87 -2.08
N VAL C 139 -25.31 22.45 -0.83
CA VAL C 139 -26.17 22.87 0.26
C VAL C 139 -25.31 23.49 1.34
N SER C 140 -25.95 24.00 2.39
CA SER C 140 -25.21 24.60 3.48
C SER C 140 -25.61 23.96 4.80
N ILE C 141 -24.76 24.11 5.81
CA ILE C 141 -24.94 23.42 7.06
C ILE C 141 -24.69 24.38 8.24
N THR C 142 -25.58 24.36 9.23
CA THR C 142 -25.41 25.20 10.42
C THR C 142 -25.72 24.45 11.72
N SER C 143 -25.06 24.85 12.81
CA SER C 143 -25.29 24.24 14.11
C SER C 143 -24.95 25.17 15.27
N PRO C 144 -25.77 25.11 16.33
CA PRO C 144 -25.55 25.87 17.57
C PRO C 144 -24.20 25.57 18.24
N GLU C 145 -23.95 24.30 18.56
CA GLU C 145 -22.81 23.96 19.39
C GLU C 145 -21.47 24.08 18.67
N LYS C 146 -20.44 24.36 19.45
CA LYS C 146 -19.11 24.76 18.95
C LYS C 146 -18.47 23.77 17.98
N ILE C 147 -18.84 22.50 18.11
CA ILE C 147 -18.29 21.48 17.24
C ILE C 147 -19.39 20.49 16.85
N MET C 148 -19.58 20.34 15.55
CA MET C 148 -20.58 19.44 15.02
C MET C 148 -19.93 18.64 13.90
N GLY C 149 -20.48 17.47 13.59
CA GLY C 149 -19.91 16.61 12.56
C GLY C 149 -20.86 16.30 11.44
N TYR C 150 -20.32 16.28 10.21
CA TYR C 150 -21.09 15.85 9.05
C TYR C 150 -20.30 14.84 8.23
N LEU C 151 -21.03 14.05 7.45
CA LEU C 151 -20.45 12.95 6.70
C LEU C 151 -21.29 12.60 5.49
N ILE C 152 -20.64 12.42 4.34
CA ILE C 152 -21.32 11.93 3.15
C ILE C 152 -21.08 10.43 3.02
N LYS C 153 -22.17 9.66 3.05
CA LYS C 153 -22.05 8.21 3.09
C LYS C 153 -23.19 7.52 2.35
N LYS C 154 -22.82 6.68 1.39
CA LYS C 154 -23.75 5.71 0.82
C LYS C 154 -23.96 4.63 1.85
N PRO C 155 -25.23 4.23 2.05
CA PRO C 155 -25.52 3.21 3.06
C PRO C 155 -24.68 1.96 2.88
N GLY C 156 -24.07 1.49 3.96
CA GLY C 156 -23.30 0.26 3.90
C GLY C 156 -21.81 0.45 3.66
N GLU C 157 -21.44 1.44 2.86
CA GLU C 157 -20.03 1.70 2.59
C GLU C 157 -19.32 2.10 3.89
N ASN C 158 -18.04 1.76 4.01
CA ASN C 158 -17.31 2.05 5.24
C ASN C 158 -16.55 3.36 5.13
N VAL C 159 -17.08 4.39 5.79
CA VAL C 159 -16.45 5.70 5.82
C VAL C 159 -16.42 6.17 7.28
N GLU C 160 -15.27 5.98 7.93
CA GLU C 160 -15.17 6.28 9.36
C GLU C 160 -14.34 7.54 9.65
N HIS C 161 -13.16 7.61 9.06
CA HIS C 161 -12.26 8.71 9.36
C HIS C 161 -12.45 9.88 8.41
N LYS C 162 -13.48 9.81 7.57
CA LYS C 162 -13.81 10.91 6.68
C LYS C 162 -14.93 11.77 7.28
N VAL C 163 -15.24 11.52 8.55
CA VAL C 163 -16.13 12.42 9.29
C VAL C 163 -15.44 13.76 9.43
N ILE C 164 -16.15 14.84 9.11
CA ILE C 164 -15.54 16.15 9.09
C ILE C 164 -16.21 17.07 10.11
N SER C 165 -15.39 17.89 10.78
CA SER C 165 -15.88 18.82 11.78
C SER C 165 -15.95 20.24 11.22
N PHE C 166 -16.98 20.98 11.63
CA PHE C 166 -17.08 22.40 11.28
C PHE C 166 -17.38 23.24 12.52
N SER C 167 -17.66 24.52 12.31
CA SER C 167 -17.96 25.43 13.42
C SER C 167 -19.05 26.43 13.04
N GLY C 168 -20.25 26.22 13.58
CA GLY C 168 -21.34 27.13 13.33
C GLY C 168 -21.99 26.97 11.98
N SER C 169 -21.17 27.00 10.92
CA SER C 169 -21.68 26.91 9.55
C SER C 169 -20.66 26.36 8.56
N ALA C 170 -21.18 25.78 7.49
CA ALA C 170 -20.35 25.31 6.39
C ALA C 170 -21.19 25.08 5.14
N SER C 171 -20.57 25.27 3.98
CA SER C 171 -21.21 24.90 2.71
C SER C 171 -20.41 23.77 2.09
N ILE C 172 -21.12 22.75 1.62
CA ILE C 172 -20.47 21.61 1.00
C ILE C 172 -20.91 21.53 -0.45
N THR C 173 -19.96 21.60 -1.36
CA THR C 173 -20.25 21.37 -2.77
C THR C 173 -20.04 19.89 -3.05
N PHE C 174 -21.12 19.21 -3.43
CA PHE C 174 -21.08 17.77 -3.63
C PHE C 174 -20.21 17.39 -4.83
N THR C 175 -20.02 16.08 -5.02
CA THR C 175 -19.22 15.59 -6.13
C THR C 175 -20.08 14.86 -7.16
N GLU C 176 -19.47 14.50 -8.28
CA GLU C 176 -20.15 13.68 -9.29
C GLU C 176 -20.39 12.28 -8.74
N GLU C 177 -19.46 11.83 -7.90
CA GLU C 177 -19.54 10.52 -7.28
C GLU C 177 -20.71 10.48 -6.31
N MET C 178 -20.98 11.60 -5.64
CA MET C 178 -22.08 11.69 -4.70
C MET C 178 -23.41 11.83 -5.41
N LEU C 179 -23.37 12.32 -6.64
CA LEU C 179 -24.59 12.52 -7.41
C LEU C 179 -25.07 11.20 -8.02
N ASP C 180 -25.59 10.36 -7.12
CA ASP C 180 -26.32 9.16 -7.46
C ASP C 180 -27.42 9.06 -6.42
N GLY C 181 -28.43 8.23 -6.67
CA GLY C 181 -29.52 8.08 -5.73
C GLY C 181 -29.07 7.62 -4.35
N GLU C 182 -27.93 6.93 -4.32
CA GLU C 182 -27.47 6.24 -3.11
C GLU C 182 -27.05 7.15 -1.96
N HIS C 183 -26.13 8.09 -2.21
CA HIS C 183 -25.55 8.92 -1.17
C HIS C 183 -26.58 9.66 -0.29
N ASN C 184 -26.21 9.87 0.98
CA ASN C 184 -26.97 10.72 1.89
C ASN C 184 -26.02 11.68 2.57
N LEU C 185 -26.58 12.72 3.19
CA LEU C 185 -25.78 13.64 3.98
C LEU C 185 -26.19 13.53 5.45
N LEU C 186 -25.20 13.30 6.29
CA LEU C 186 -25.44 13.09 7.71
C LEU C 186 -24.87 14.27 8.49
N CYS C 187 -25.68 14.84 9.37
CA CYS C 187 -25.20 15.90 10.24
C CYS C 187 -26.05 15.94 11.50
N GLY C 188 -25.41 15.67 12.63
CA GLY C 188 -26.09 15.66 13.91
C GLY C 188 -27.32 14.78 13.93
N ASP C 189 -28.38 15.29 14.55
CA ASP C 189 -29.66 14.59 14.67
C ASP C 189 -30.24 14.17 13.32
N LYS C 190 -29.96 14.96 12.28
CA LYS C 190 -30.68 14.86 11.03
C LYS C 190 -29.99 14.02 9.95
N SER C 191 -30.74 13.76 8.89
CA SER C 191 -30.30 12.93 7.76
C SER C 191 -30.92 13.44 6.45
N ALA C 192 -30.07 13.81 5.50
CA ALA C 192 -30.54 14.38 4.24
C ALA C 192 -30.25 13.46 3.06
N LYS C 193 -31.20 13.39 2.13
CA LYS C 193 -31.07 12.55 0.94
C LYS C 193 -30.49 13.35 -0.22
N ILE C 194 -29.26 13.03 -0.60
CA ILE C 194 -28.64 13.65 -1.77
C ILE C 194 -29.37 13.14 -3.02
N PRO C 195 -29.85 14.07 -3.86
CA PRO C 195 -30.57 13.69 -5.07
C PRO C 195 -29.64 13.51 -6.28
N LYS C 196 -30.08 12.69 -7.23
CA LYS C 196 -29.27 12.29 -8.37
C LYS C 196 -29.29 13.34 -9.50
N THR C 197 -28.33 13.25 -10.41
CA THR C 197 -28.34 14.04 -11.64
C THR C 197 -27.45 13.39 -12.70
C1 NAG D . -1.95 13.88 0.51
C2 NAG D . -2.01 14.44 1.94
C3 NAG D . -2.95 15.64 2.02
C4 NAG D . -2.59 16.67 0.96
C5 NAG D . -2.56 16.03 -0.42
C6 NAG D . -2.17 16.98 -1.53
C7 NAG D . -3.59 12.75 2.84
C8 NAG D . -3.84 11.75 3.93
N2 NAG D . -2.42 13.41 2.90
O3 NAG D . -2.85 16.20 3.31
O4 NAG D . -3.57 17.69 0.95
O5 NAG D . -1.60 14.96 -0.42
O6 NAG D . -3.22 17.86 -1.84
O7 NAG D . -4.43 12.95 1.94
C1 NAG D . -3.01 18.96 1.38
C2 NAG D . -3.37 19.16 2.86
C3 NAG D . -2.89 20.53 3.32
C4 NAG D . -1.38 20.62 3.11
C5 NAG D . -1.02 20.31 1.65
C6 NAG D . 0.48 20.24 1.44
C7 NAG D . -5.82 19.35 2.36
C8 NAG D . -7.19 19.00 2.87
N2 NAG D . -4.79 18.95 3.13
O3 NAG D . -3.18 20.71 4.71
O4 NAG D . -0.91 21.91 3.45
O5 NAG D . -1.56 19.04 1.23
O6 NAG D . 0.83 19.45 0.30
O7 NAG D . -5.66 19.97 1.31
C1 NAG E . 25.30 -9.25 4.43
C2 NAG E . 25.76 -10.48 3.64
C3 NAG E . 26.80 -11.27 4.43
C4 NAG E . 27.93 -10.37 4.94
C5 NAG E . 27.38 -9.09 5.60
C6 NAG E . 28.46 -8.07 5.90
C7 NAG E . 23.87 -11.99 4.18
C8 NAG E . 22.78 -12.84 3.61
N2 NAG E . 24.64 -11.34 3.29
O3 NAG E . 27.34 -12.31 3.62
O4 NAG E . 28.60 -11.14 5.94
O5 NAG E . 26.43 -8.44 4.75
O6 NAG E . 27.93 -6.95 6.60
O7 NAG E . 24.04 -11.88 5.40
C1 NAG E . 30.04 -11.14 5.94
C2 NAG E . 30.63 -11.04 4.47
C3 NAG E . 32.10 -10.53 4.44
C4 NAG E . 32.43 -9.49 5.50
C5 NAG E . 31.93 -10.01 6.83
C6 NAG E . 32.30 -9.15 8.00
C7 NAG E . 30.49 -12.62 2.57
C8 NAG E . 30.53 -14.07 2.18
N2 NAG E . 30.60 -12.36 3.88
O3 NAG E . 32.42 -10.04 3.14
O4 NAG E . 33.84 -9.30 5.55
O5 NAG E . 30.51 -10.05 6.73
O6 NAG E . 32.76 -9.94 9.10
O7 NAG E . 30.32 -11.71 1.73
C1 NAG F . 10.89 26.61 -14.76
C2 NAG F . 9.57 27.43 -14.94
C3 NAG F . 9.74 28.97 -14.73
C4 NAG F . 11.03 29.53 -15.31
C5 NAG F . 11.79 28.47 -16.11
C6 NAG F . 13.12 28.96 -16.62
C7 NAG F . 8.21 26.06 -16.46
C8 NAG F . 7.68 25.91 -17.87
N2 NAG F . 8.96 27.14 -16.22
O3 NAG F . 9.68 29.30 -13.35
O4 NAG F . 10.77 30.67 -16.10
O5 NAG F . 12.05 27.40 -15.19
O6 NAG F . 12.98 30.06 -17.53
O7 NAG F . 7.95 25.23 -15.58
C1 NAG G . 12.71 -22.07 18.24
C2 NAG G . 12.94 -23.50 17.88
C3 NAG G . 11.78 -23.96 17.02
C4 NAG G . 10.46 -23.71 17.74
C5 NAG G . 10.39 -22.35 18.46
C6 NAG G . 9.30 -22.31 19.52
C7 NAG G . 15.34 -24.03 17.85
C8 NAG G . 16.58 -24.16 17.01
N2 NAG G . 14.22 -23.68 17.21
O3 NAG G . 11.93 -25.34 16.67
O4 NAG G . 9.40 -23.74 16.78
O5 NAG G . 11.61 -21.99 19.12
O6 NAG G . 8.89 -20.98 19.82
O7 NAG G . 15.35 -24.24 19.07
C1 NAG H . -19.61 3.50 40.77
C2 NAG H . -20.13 2.06 40.72
C3 NAG H . -21.41 1.88 41.54
C4 NAG H . -21.28 2.51 42.93
C5 NAG H . -20.69 3.93 42.86
C6 NAG H . -20.43 4.53 44.24
C7 NAG H . -21.23 1.50 38.42
C8 NAG H . -22.64 1.91 38.86
N2 NAG H . -20.22 1.56 39.33
O3 NAG H . -21.76 0.51 41.68
O4 NAG H . -22.56 2.60 43.55
O5 NAG H . -19.44 3.91 42.15
O6 NAG H . -19.11 4.33 44.71
O7 NAG H . -21.01 1.09 37.28
C1 NAG I . 4.00 8.84 37.72
C2 NAG I . 4.07 10.04 38.71
C3 NAG I . 5.28 9.92 39.67
C4 NAG I . 5.41 8.52 40.24
C5 NAG I . 5.46 7.54 39.10
C6 NAG I . 5.68 6.11 39.53
C7 NAG I . 3.75 12.48 38.49
C8 NAG I . 3.91 13.66 37.58
N2 NAG I . 4.13 11.29 37.98
O3 NAG I . 5.11 10.85 40.73
O4 NAG I . 6.59 8.40 41.03
O5 NAG I . 4.22 7.60 38.42
O6 NAG I . 6.57 5.43 38.66
O7 NAG I . 3.29 12.57 39.62
#